data_4PRN
#
_entry.id   4PRN
#
_cell.length_a   50.640
_cell.length_b   81.230
_cell.length_c   109.100
_cell.angle_alpha   90.000
_cell.angle_beta   90.000
_cell.angle_gamma   90.000
#
_symmetry.space_group_name_H-M   'P 21 21 21'
#
loop_
_entity.id
_entity.type
_entity.pdbx_description
1 polymer 'HLA class I histocompatibility antigen, B-35 alpha chain'
2 polymer Beta-2-microglobulin
3 polymer 'Epstein-Barr nuclear antigen 1'
4 non-polymer 'ACETATE ION'
5 water water
#
loop_
_entity_poly.entity_id
_entity_poly.type
_entity_poly.pdbx_seq_one_letter_code
_entity_poly.pdbx_strand_id
1 'polypeptide(L)'
;GSHSMRYFYTAMSRPGRGEPRFIAVGYVDDTQFVRFDSDAASPRTEPRAPWIEQEGPEYWDRNTQIFKTNTQTYRESLRN
LRGYYNQSEAGSHIIQRMYGCDLGPDGRLLRGHDQSAYDGKDYIALNEDLSSWTAADTAAQITQRKWEAARVAEQLRAYL
EGLCVEWLRRYLENGKETLQRADPPKTHVTHHPVSDHEATLRCWALGFYPAEITLTWQRDGEDQTQDTELVETRPAGDRT
FQKWAAVVVPSGEEQRYTCHVQHEGLPKPLTLRWEP
;
A
2 'polypeptide(L)'
;IQRTPKIQVYSRHPAENGKSNFLNCYVSGFHPSDIEVDLLKNGERIEKVEHSDLSFSKDWSFYLLYYTEFTPTEKDEYAC
RVNHVTLSQPKIVKWDRDM
;
B
3 'polypeptide(L)' HPVAEADYFEY C
#
loop_
_chem_comp.id
_chem_comp.type
_chem_comp.name
_chem_comp.formula
ACT non-polymer 'ACETATE ION' 'C2 H3 O2 -1'
#
# COMPACT_ATOMS: atom_id res chain seq x y z
N GLY A 1 -0.22 1.00 21.39
CA GLY A 1 -0.51 2.03 20.41
C GLY A 1 -1.88 1.84 19.76
N SER A 2 -2.17 2.68 18.77
CA SER A 2 -3.40 2.56 18.01
C SER A 2 -3.17 1.57 16.91
N HIS A 3 -4.24 0.90 16.49
CA HIS A 3 -4.12 -0.17 15.52
C HIS A 3 -5.34 -0.23 14.64
N SER A 4 -5.14 -0.79 13.45
CA SER A 4 -6.25 -0.94 12.54
C SER A 4 -6.16 -2.24 11.76
N MET A 5 -7.32 -2.69 11.27
CA MET A 5 -7.37 -3.81 10.33
C MET A 5 -8.07 -3.32 9.09
N ARG A 6 -7.57 -3.74 7.93
CA ARG A 6 -8.20 -3.37 6.67
C ARG A 6 -8.18 -4.54 5.73
N TYR A 7 -9.24 -4.66 4.94
CA TYR A 7 -9.24 -5.54 3.80
C TYR A 7 -9.33 -4.67 2.56
N PHE A 8 -8.58 -5.06 1.55
CA PHE A 8 -8.50 -4.32 0.31
C PHE A 8 -8.89 -5.26 -0.79
N TYR A 9 -9.98 -4.94 -1.48
CA TYR A 9 -10.43 -5.77 -2.58
C TYR A 9 -10.25 -5.04 -3.88
N THR A 10 -9.75 -5.76 -4.88
N THR A 10 -9.82 -5.74 -4.94
CA THR A 10 -9.66 -5.24 -6.24
CA THR A 10 -9.74 -5.21 -6.30
C THR A 10 -10.39 -6.21 -7.17
C THR A 10 -10.46 -6.19 -7.23
N ALA A 11 -11.41 -5.75 -7.88
CA ALA A 11 -12.13 -6.57 -8.86
C ALA A 11 -11.93 -5.90 -10.20
N MET A 12 -11.34 -6.62 -11.14
N MET A 12 -11.34 -6.62 -11.14
CA MET A 12 -10.92 -6.00 -12.35
CA MET A 12 -10.93 -6.00 -12.35
C MET A 12 -11.41 -6.76 -13.56
C MET A 12 -11.42 -6.76 -13.55
N SER A 13 -12.21 -6.12 -14.39
CA SER A 13 -12.65 -6.77 -15.61
C SER A 13 -11.56 -6.69 -16.67
N ARG A 14 -11.66 -7.57 -17.66
CA ARG A 14 -10.63 -7.66 -18.70
C ARG A 14 -11.26 -8.33 -19.91
N PRO A 15 -12.13 -7.59 -20.61
CA PRO A 15 -12.89 -8.19 -21.71
C PRO A 15 -11.98 -8.91 -22.69
N GLY A 16 -12.34 -10.14 -23.01
CA GLY A 16 -11.58 -10.94 -23.97
C GLY A 16 -10.49 -11.75 -23.30
N ARG A 17 -10.29 -11.52 -22.01
CA ARG A 17 -9.23 -12.24 -21.29
C ARG A 17 -9.78 -12.94 -20.06
N GLY A 18 -11.00 -13.45 -20.21
CA GLY A 18 -11.63 -14.20 -19.13
C GLY A 18 -12.46 -13.31 -18.24
N GLU A 19 -12.91 -13.88 -17.13
CA GLU A 19 -13.77 -13.16 -16.19
C GLU A 19 -12.95 -12.26 -15.29
N PRO A 20 -13.60 -11.29 -14.66
CA PRO A 20 -12.85 -10.34 -13.83
C PRO A 20 -12.05 -11.00 -12.70
N ARG A 21 -10.84 -10.54 -12.50
N ARG A 21 -10.83 -10.53 -12.49
CA ARG A 21 -10.01 -11.00 -11.40
CA ARG A 21 -9.98 -11.04 -11.42
C ARG A 21 -10.54 -10.39 -10.12
C ARG A 21 -10.38 -10.38 -10.12
N PHE A 22 -10.55 -11.19 -9.07
CA PHE A 22 -10.85 -10.66 -7.74
C PHE A 22 -9.68 -10.99 -6.84
N ILE A 23 -9.07 -9.96 -6.23
N ILE A 23 -9.10 -9.96 -6.23
CA ILE A 23 -8.02 -10.22 -5.25
CA ILE A 23 -8.04 -10.13 -5.26
C ILE A 23 -8.28 -9.44 -3.97
C ILE A 23 -8.48 -9.49 -3.95
N ALA A 24 -8.15 -10.14 -2.85
CA ALA A 24 -8.35 -9.54 -1.53
C ALA A 24 -7.06 -9.71 -0.76
N VAL A 25 -6.63 -8.65 -0.09
CA VAL A 25 -5.54 -8.77 0.86
C VAL A 25 -6.01 -8.19 2.18
N GLY A 26 -5.49 -8.74 3.27
CA GLY A 26 -5.84 -8.24 4.59
C GLY A 26 -4.61 -7.74 5.30
N TYR A 27 -4.76 -6.63 6.00
CA TYR A 27 -3.67 -6.00 6.77
C TYR A 27 -4.07 -5.74 8.21
N VAL A 28 -3.08 -5.84 9.09
CA VAL A 28 -3.18 -5.20 10.40
C VAL A 28 -2.09 -4.15 10.38
N ASP A 29 -2.48 -2.89 10.54
CA ASP A 29 -1.53 -1.81 10.35
C ASP A 29 -0.80 -2.02 9.01
N ASP A 30 0.53 -2.02 9.04
CA ASP A 30 1.31 -2.12 7.81
C ASP A 30 1.80 -3.53 7.55
N THR A 31 1.14 -4.49 8.19
CA THR A 31 1.52 -5.87 8.03
C THR A 31 0.42 -6.64 7.31
N GLN A 32 0.73 -7.12 6.11
CA GLN A 32 -0.21 -7.96 5.39
C GLN A 32 -0.25 -9.33 6.06
N PHE A 33 -1.45 -9.90 6.18
CA PHE A 33 -1.52 -11.22 6.80
C PHE A 33 -2.27 -12.28 6.01
N VAL A 34 -3.04 -11.89 5.00
CA VAL A 34 -3.70 -12.86 4.14
C VAL A 34 -3.80 -12.35 2.71
N ARG A 35 -3.97 -13.29 1.77
CA ARG A 35 -4.31 -12.93 0.41
C ARG A 35 -5.25 -13.98 -0.16
N PHE A 36 -6.04 -13.54 -1.13
CA PHE A 36 -6.83 -14.45 -1.94
C PHE A 36 -6.82 -13.88 -3.34
N ASP A 37 -6.54 -14.73 -4.34
CA ASP A 37 -6.43 -14.28 -5.71
C ASP A 37 -7.20 -15.27 -6.58
N SER A 38 -8.26 -14.80 -7.24
CA SER A 38 -9.06 -15.68 -8.09
C SER A 38 -8.30 -16.25 -9.30
N ASP A 39 -7.16 -15.66 -9.63
CA ASP A 39 -6.33 -16.15 -10.73
C ASP A 39 -5.32 -17.18 -10.28
N ALA A 40 -5.30 -17.50 -8.99
CA ALA A 40 -4.33 -18.47 -8.50
C ALA A 40 -4.72 -19.83 -9.08
N ALA A 41 -3.72 -20.71 -9.25
CA ALA A 41 -3.96 -22.02 -9.82
C ALA A 41 -5.09 -22.72 -9.09
N SER A 42 -5.03 -22.66 -7.76
CA SER A 42 -6.09 -23.17 -6.88
C SER A 42 -6.41 -22.06 -5.88
N PRO A 43 -7.39 -21.21 -6.22
CA PRO A 43 -7.67 -20.04 -5.37
C PRO A 43 -8.09 -20.42 -3.95
N ARG A 44 -7.32 -19.95 -2.99
CA ARG A 44 -7.67 -20.13 -1.60
C ARG A 44 -7.04 -19.01 -0.81
N THR A 45 -7.59 -18.76 0.37
CA THR A 45 -7.00 -17.78 1.26
C THR A 45 -5.68 -18.33 1.79
N GLU A 46 -4.62 -17.55 1.63
CA GLU A 46 -3.29 -17.96 2.05
C GLU A 46 -2.73 -17.04 3.12
N PRO A 47 -2.02 -17.61 4.10
CA PRO A 47 -1.40 -16.77 5.13
C PRO A 47 -0.23 -15.98 4.56
N ARG A 48 -0.02 -14.78 5.08
CA ARG A 48 1.09 -13.95 4.63
C ARG A 48 1.86 -13.35 5.81
N ALA A 49 1.50 -13.78 7.01
CA ALA A 49 2.22 -13.44 8.23
C ALA A 49 2.25 -14.67 9.14
N PRO A 50 3.37 -14.90 9.83
CA PRO A 50 3.51 -16.11 10.63
C PRO A 50 2.45 -16.25 11.72
N TRP A 51 2.06 -15.14 12.34
CA TRP A 51 1.10 -15.20 13.43
C TRP A 51 -0.33 -15.58 13.03
N ILE A 52 -0.65 -15.56 11.74
CA ILE A 52 -1.98 -15.99 11.29
C ILE A 52 -2.02 -17.49 11.03
N GLU A 53 -0.85 -18.11 10.91
CA GLU A 53 -0.76 -19.51 10.53
C GLU A 53 -1.42 -20.42 11.56
N GLN A 54 -1.44 -19.98 12.81
CA GLN A 54 -2.06 -20.75 13.89
C GLN A 54 -3.58 -20.88 13.77
N GLU A 55 -4.21 -20.09 12.91
CA GLU A 55 -5.65 -20.21 12.76
C GLU A 55 -5.99 -21.56 12.13
N GLY A 56 -7.08 -22.14 12.59
CA GLY A 56 -7.48 -23.48 12.19
C GLY A 56 -8.12 -23.53 10.80
N PRO A 57 -8.32 -24.75 10.28
CA PRO A 57 -8.89 -24.94 8.95
C PRO A 57 -10.22 -24.25 8.77
N GLU A 58 -11.04 -24.19 9.82
CA GLU A 58 -12.35 -23.56 9.74
C GLU A 58 -12.18 -22.10 9.32
N TYR A 59 -11.16 -21.46 9.87
CA TYR A 59 -10.86 -20.07 9.54
C TYR A 59 -10.54 -19.93 8.06
N TRP A 60 -9.61 -20.75 7.56
CA TRP A 60 -9.20 -20.67 6.17
C TRP A 60 -10.36 -21.00 5.25
N ASP A 61 -11.15 -22.00 5.61
CA ASP A 61 -12.31 -22.37 4.81
C ASP A 61 -13.35 -21.26 4.76
N ARG A 62 -13.66 -20.66 5.89
CA ARG A 62 -14.58 -19.55 5.99
C ARG A 62 -14.08 -18.41 5.06
N ASN A 63 -12.83 -18.05 5.23
CA ASN A 63 -12.27 -16.94 4.45
C ASN A 63 -12.39 -17.23 2.97
N THR A 64 -12.02 -18.43 2.59
CA THR A 64 -12.03 -18.81 1.18
C THR A 64 -13.44 -18.81 0.60
N GLN A 65 -14.39 -19.32 1.37
CA GLN A 65 -15.80 -19.25 0.95
C GLN A 65 -16.23 -17.80 0.69
N ILE A 66 -15.92 -16.92 1.63
CA ILE A 66 -16.27 -15.51 1.50
C ILE A 66 -15.66 -14.92 0.24
N PHE A 67 -14.38 -15.20 0.01
CA PHE A 67 -13.69 -14.61 -1.14
C PHE A 67 -14.14 -15.22 -2.46
N LYS A 68 -14.45 -16.50 -2.46
CA LYS A 68 -15.00 -17.12 -3.64
C LYS A 68 -16.38 -16.57 -3.98
N THR A 69 -17.19 -16.36 -2.99
CA THR A 69 -18.49 -15.74 -3.17
C THR A 69 -18.31 -14.34 -3.72
N ASN A 70 -17.38 -13.58 -3.14
CA ASN A 70 -17.13 -12.23 -3.61
C ASN A 70 -16.66 -12.21 -5.05
N THR A 71 -15.86 -13.21 -5.43
CA THR A 71 -15.36 -13.29 -6.79
C THR A 71 -16.54 -13.26 -7.77
N GLN A 72 -17.59 -13.98 -7.43
CA GLN A 72 -18.80 -13.99 -8.24
C GLN A 72 -19.64 -12.70 -8.16
N THR A 73 -19.90 -12.25 -6.93
N THR A 73 -19.92 -12.23 -6.95
CA THR A 73 -20.68 -11.06 -6.67
CA THR A 73 -20.75 -11.04 -6.81
C THR A 73 -20.07 -9.81 -7.32
C THR A 73 -20.08 -9.78 -7.37
N TYR A 74 -18.76 -9.66 -7.18
CA TYR A 74 -18.07 -8.49 -7.71
C TYR A 74 -18.07 -8.49 -9.25
N ARG A 75 -18.19 -9.66 -9.85
CA ARG A 75 -18.33 -9.73 -11.30
C ARG A 75 -19.69 -9.17 -11.73
N GLU A 76 -20.73 -9.53 -11.00
CA GLU A 76 -22.05 -8.95 -11.25
C GLU A 76 -22.02 -7.44 -11.01
N SER A 77 -21.34 -7.03 -9.93
CA SER A 77 -21.24 -5.61 -9.62
C SER A 77 -20.55 -4.85 -10.74
N LEU A 78 -19.51 -5.45 -11.33
CA LEU A 78 -18.81 -4.79 -12.42
C LEU A 78 -19.76 -4.65 -13.60
N ARG A 79 -20.55 -5.69 -13.87
CA ARG A 79 -21.52 -5.62 -14.96
C ARG A 79 -22.50 -4.50 -14.69
N ASN A 80 -22.93 -4.39 -13.44
CA ASN A 80 -23.90 -3.38 -13.07
C ASN A 80 -23.34 -1.99 -13.24
N LEU A 81 -22.13 -1.75 -12.74
CA LEU A 81 -21.53 -0.43 -12.86
C LEU A 81 -21.28 -0.05 -14.33
N ARG A 82 -20.90 -1.03 -15.15
CA ARG A 82 -20.73 -0.75 -16.57
C ARG A 82 -22.03 -0.13 -17.11
N GLY A 83 -23.15 -0.76 -16.77
CA GLY A 83 -24.46 -0.26 -17.18
C GLY A 83 -24.78 1.10 -16.60
N TYR A 84 -24.46 1.31 -15.32
CA TYR A 84 -24.79 2.60 -14.69
C TYR A 84 -24.11 3.76 -15.38
N TYR A 85 -22.97 3.48 -16.01
CA TYR A 85 -22.24 4.53 -16.69
C TYR A 85 -22.37 4.44 -18.21
N ASN A 86 -23.30 3.61 -18.66
CA ASN A 86 -23.55 3.42 -20.09
C ASN A 86 -22.26 3.08 -20.84
N GLN A 87 -21.42 2.26 -20.22
CA GLN A 87 -20.13 1.94 -20.81
C GLN A 87 -20.21 0.74 -21.75
N SER A 88 -19.31 0.73 -22.73
N SER A 88 -19.30 0.74 -22.72
CA SER A 88 -19.25 -0.37 -23.69
CA SER A 88 -19.17 -0.36 -23.67
C SER A 88 -18.64 -1.60 -23.04
C SER A 88 -18.70 -1.63 -22.97
N GLU A 89 -18.90 -2.76 -23.63
CA GLU A 89 -18.40 -4.02 -23.12
C GLU A 89 -16.90 -4.16 -23.39
N ALA A 90 -16.34 -3.23 -24.15
CA ALA A 90 -14.94 -3.30 -24.59
C ALA A 90 -13.88 -2.99 -23.54
N GLY A 91 -14.18 -2.10 -22.61
CA GLY A 91 -13.15 -1.60 -21.72
C GLY A 91 -12.99 -2.37 -20.43
N SER A 92 -11.79 -2.31 -19.86
N SER A 92 -11.80 -2.28 -19.84
CA SER A 92 -11.54 -2.87 -18.53
CA SER A 92 -11.49 -2.85 -18.53
C SER A 92 -11.93 -1.84 -17.49
C SER A 92 -11.82 -1.85 -17.42
N HIS A 93 -12.47 -2.33 -16.38
CA HIS A 93 -12.88 -1.47 -15.28
C HIS A 93 -12.56 -2.10 -13.95
N ILE A 94 -12.50 -1.28 -12.90
CA ILE A 94 -12.06 -1.78 -11.62
C ILE A 94 -12.96 -1.27 -10.50
N ILE A 95 -13.47 -2.18 -9.68
CA ILE A 95 -14.08 -1.80 -8.42
C ILE A 95 -13.02 -2.05 -7.36
N GLN A 96 -12.78 -1.06 -6.50
CA GLN A 96 -11.95 -1.30 -5.33
C GLN A 96 -12.77 -1.05 -4.10
N ARG A 97 -12.48 -1.82 -3.06
CA ARG A 97 -13.13 -1.61 -1.80
C ARG A 97 -12.12 -1.75 -0.68
N MET A 98 -12.18 -0.83 0.29
N MET A 98 -12.19 -0.86 0.30
CA MET A 98 -11.38 -0.95 1.48
CA MET A 98 -11.34 -0.99 1.49
C MET A 98 -12.28 -0.79 2.68
C MET A 98 -12.17 -0.72 2.73
N TYR A 99 -12.14 -1.66 3.66
CA TYR A 99 -12.97 -1.55 4.85
C TYR A 99 -12.25 -2.10 6.05
N GLY A 100 -12.73 -1.73 7.22
CA GLY A 100 -12.17 -2.26 8.43
C GLY A 100 -12.34 -1.31 9.58
N CYS A 101 -11.61 -1.59 10.66
CA CYS A 101 -11.86 -0.92 11.92
C CYS A 101 -10.59 -0.36 12.52
N ASP A 102 -10.74 0.75 13.24
CA ASP A 102 -9.61 1.38 13.90
C ASP A 102 -9.82 1.29 15.39
N LEU A 103 -8.76 0.90 16.11
CA LEU A 103 -8.79 0.88 17.57
C LEU A 103 -7.91 2.00 18.12
N GLY A 104 -8.33 2.59 19.22
CA GLY A 104 -7.47 3.56 19.91
C GLY A 104 -6.49 2.84 20.82
N PRO A 105 -5.61 3.60 21.50
CA PRO A 105 -4.58 2.97 22.34
C PRO A 105 -5.14 2.17 23.53
N ASP A 106 -6.44 2.27 23.79
CA ASP A 106 -7.07 1.46 24.84
C ASP A 106 -7.65 0.17 24.26
N GLY A 107 -7.53 0.00 22.95
CA GLY A 107 -8.07 -1.18 22.29
C GLY A 107 -9.54 -1.02 21.95
N ARG A 108 -10.09 0.16 22.23
CA ARG A 108 -11.50 0.40 21.93
C ARG A 108 -11.71 0.88 20.50
N LEU A 109 -12.88 0.61 19.96
CA LEU A 109 -13.25 1.09 18.62
C LEU A 109 -13.21 2.62 18.53
N LEU A 110 -12.39 3.09 17.62
CA LEU A 110 -12.32 4.51 17.32
C LEU A 110 -13.35 4.80 16.25
N ARG A 111 -13.29 4.05 15.15
CA ARG A 111 -14.25 4.22 14.05
C ARG A 111 -14.12 3.08 13.05
N GLY A 112 -15.16 2.94 12.23
CA GLY A 112 -15.18 1.95 11.17
C GLY A 112 -15.14 2.61 9.81
N HIS A 113 -14.85 1.81 8.79
CA HIS A 113 -14.71 2.30 7.42
C HIS A 113 -15.25 1.28 6.45
N ASP A 114 -15.90 1.77 5.40
CA ASP A 114 -16.21 0.94 4.24
C ASP A 114 -16.34 1.85 3.04
N GLN A 115 -15.35 1.80 2.16
CA GLN A 115 -15.28 2.75 1.06
C GLN A 115 -15.05 2.01 -0.22
N SER A 116 -15.74 2.45 -1.27
CA SER A 116 -15.56 1.85 -2.58
C SER A 116 -15.24 2.89 -3.64
N ALA A 117 -14.51 2.45 -4.66
CA ALA A 117 -14.15 3.29 -5.79
C ALA A 117 -14.41 2.53 -7.08
N TYR A 118 -14.68 3.29 -8.14
CA TYR A 118 -14.83 2.71 -9.47
C TYR A 118 -13.85 3.41 -10.38
N ASP A 119 -13.03 2.63 -11.08
CA ASP A 119 -11.97 3.16 -11.92
C ASP A 119 -11.18 4.25 -11.22
N GLY A 120 -10.91 4.02 -9.93
CA GLY A 120 -10.00 4.85 -9.16
C GLY A 120 -10.61 6.11 -8.60
N LYS A 121 -11.92 6.28 -8.81
CA LYS A 121 -12.63 7.45 -8.30
C LYS A 121 -13.60 7.02 -7.21
N ASP A 122 -13.70 7.83 -6.16
N ASP A 122 -13.69 7.84 -6.15
CA ASP A 122 -14.62 7.50 -5.09
CA ASP A 122 -14.68 7.62 -5.12
C ASP A 122 -16.02 7.28 -5.62
C ASP A 122 -16.01 7.21 -5.74
N TYR A 123 -16.63 6.19 -5.17
CA TYR A 123 -17.92 5.74 -5.67
C TYR A 123 -18.98 5.83 -4.58
N ILE A 124 -18.79 5.10 -3.50
CA ILE A 124 -19.73 5.16 -2.38
C ILE A 124 -18.96 4.83 -1.10
N ALA A 125 -19.32 5.50 -0.03
CA ALA A 125 -18.65 5.28 1.24
C ALA A 125 -19.65 5.26 2.37
N LEU A 126 -19.45 4.34 3.30
CA LEU A 126 -20.19 4.34 4.55
C LEU A 126 -19.74 5.51 5.41
N ASN A 127 -20.71 6.28 5.87
CA ASN A 127 -20.42 7.41 6.73
C ASN A 127 -19.93 6.95 8.09
N GLU A 128 -19.29 7.85 8.84
CA GLU A 128 -18.74 7.48 10.12
C GLU A 128 -19.81 6.96 11.10
N ASP A 129 -21.06 7.39 10.90
CA ASP A 129 -22.16 6.89 11.70
C ASP A 129 -22.44 5.39 11.52
N LEU A 130 -21.80 4.80 10.51
CA LEU A 130 -22.00 3.40 10.14
C LEU A 130 -23.47 3.12 9.84
N SER A 131 -24.16 4.15 9.38
CA SER A 131 -25.62 4.04 9.18
C SER A 131 -26.11 4.63 7.88
N SER A 132 -25.35 5.58 7.32
CA SER A 132 -25.76 6.24 6.10
C SER A 132 -24.62 6.24 5.10
N TRP A 133 -24.95 6.54 3.84
CA TRP A 133 -24.01 6.44 2.74
C TRP A 133 -23.75 7.81 2.14
N THR A 134 -22.55 7.97 1.60
CA THR A 134 -22.26 9.10 0.74
C THR A 134 -21.95 8.55 -0.66
N ALA A 135 -22.79 8.91 -1.62
CA ALA A 135 -22.63 8.46 -3.00
C ALA A 135 -22.06 9.59 -3.85
N ALA A 136 -21.09 9.26 -4.71
CA ALA A 136 -20.32 10.30 -5.40
C ALA A 136 -21.06 10.90 -6.59
N ASP A 137 -21.99 10.14 -7.14
CA ASP A 137 -22.66 10.55 -8.38
C ASP A 137 -23.98 9.82 -8.55
N THR A 138 -24.69 10.07 -9.66
CA THR A 138 -26.02 9.48 -9.79
C THR A 138 -25.96 7.98 -10.03
N ALA A 139 -24.82 7.47 -10.48
CA ALA A 139 -24.65 6.03 -10.60
C ALA A 139 -24.55 5.41 -9.20
N ALA A 140 -23.67 5.96 -8.37
CA ALA A 140 -23.51 5.47 -7.01
C ALA A 140 -24.80 5.63 -6.20
N GLN A 141 -25.62 6.62 -6.56
CA GLN A 141 -26.93 6.78 -5.93
C GLN A 141 -27.81 5.55 -6.18
N ILE A 142 -27.62 4.91 -7.33
CA ILE A 142 -28.34 3.67 -7.59
C ILE A 142 -27.88 2.57 -6.63
N THR A 143 -26.57 2.38 -6.51
CA THR A 143 -26.05 1.49 -5.49
C THR A 143 -26.57 1.86 -4.10
N GLN A 144 -26.55 3.15 -3.79
CA GLN A 144 -26.97 3.60 -2.46
C GLN A 144 -28.41 3.16 -2.23
N ARG A 145 -29.27 3.44 -3.21
CA ARG A 145 -30.66 3.05 -3.06
C ARG A 145 -30.78 1.55 -2.82
N LYS A 146 -30.02 0.75 -3.58
CA LYS A 146 -30.01 -0.70 -3.44
C LYS A 146 -29.53 -1.12 -2.07
N TRP A 147 -28.50 -0.45 -1.59
CA TRP A 147 -27.91 -0.82 -0.32
C TRP A 147 -28.78 -0.37 0.84
N GLU A 148 -29.46 0.76 0.66
CA GLU A 148 -30.42 1.25 1.65
C GLU A 148 -31.61 0.30 1.71
N ALA A 149 -32.09 -0.12 0.54
CA ALA A 149 -33.19 -1.07 0.47
C ALA A 149 -32.84 -2.39 1.19
N ALA A 150 -31.60 -2.84 1.02
CA ALA A 150 -31.17 -4.12 1.58
C ALA A 150 -30.49 -4.01 2.96
N ARG A 151 -30.56 -2.83 3.56
CA ARG A 151 -29.97 -2.60 4.89
C ARG A 151 -28.51 -3.08 4.97
N VAL A 152 -27.74 -2.80 3.93
CA VAL A 152 -26.33 -3.20 3.94
C VAL A 152 -25.58 -2.52 5.07
N ALA A 153 -25.85 -1.24 5.29
CA ALA A 153 -25.15 -0.48 6.31
C ALA A 153 -25.26 -1.15 7.69
N GLU A 154 -26.45 -1.64 8.02
CA GLU A 154 -26.67 -2.30 9.30
C GLU A 154 -25.77 -3.52 9.46
N GLN A 155 -25.56 -4.27 8.38
CA GLN A 155 -24.70 -5.44 8.44
C GLN A 155 -23.21 -5.06 8.55
N LEU A 156 -22.81 -4.00 7.86
CA LEU A 156 -21.44 -3.52 7.99
C LEU A 156 -21.19 -2.99 9.39
N ARG A 157 -22.15 -2.26 9.93
CA ARG A 157 -22.00 -1.76 11.30
C ARG A 157 -21.81 -2.91 12.28
N ALA A 158 -22.62 -3.96 12.14
CA ALA A 158 -22.50 -5.11 13.04
C ALA A 158 -21.11 -5.74 12.96
N TYR A 159 -20.61 -5.90 11.74
CA TYR A 159 -19.27 -6.42 11.54
C TYR A 159 -18.21 -5.48 12.13
N LEU A 160 -18.30 -4.20 11.82
CA LEU A 160 -17.26 -3.25 12.19
C LEU A 160 -17.12 -3.09 13.71
N GLU A 161 -18.24 -3.12 14.41
CA GLU A 161 -18.25 -2.96 15.85
C GLU A 161 -18.06 -4.28 16.58
N GLY A 162 -18.17 -5.39 15.85
CA GLY A 162 -18.15 -6.71 16.42
C GLY A 162 -16.95 -7.52 15.95
N LEU A 163 -17.17 -8.40 14.97
CA LEU A 163 -16.13 -9.29 14.45
C LEU A 163 -14.84 -8.55 14.12
N CYS A 164 -14.96 -7.37 13.52
CA CYS A 164 -13.77 -6.65 13.08
C CYS A 164 -12.84 -6.38 14.25
N VAL A 165 -13.39 -5.80 15.31
N VAL A 165 -13.37 -5.80 15.33
CA VAL A 165 -12.63 -5.44 16.48
CA VAL A 165 -12.52 -5.44 16.45
C VAL A 165 -12.13 -6.69 17.22
C VAL A 165 -12.13 -6.68 17.26
N GLU A 166 -13.02 -7.67 17.33
CA GLU A 166 -12.69 -8.90 18.04
C GLU A 166 -11.50 -9.61 17.39
N TRP A 167 -11.55 -9.76 16.07
CA TRP A 167 -10.44 -10.40 15.36
C TRP A 167 -9.18 -9.56 15.39
N LEU A 168 -9.33 -8.25 15.23
CA LEU A 168 -8.15 -7.39 15.29
C LEU A 168 -7.45 -7.54 16.63
N ARG A 169 -8.23 -7.56 17.68
CA ARG A 169 -7.61 -7.71 18.98
C ARG A 169 -6.90 -9.05 19.12
N ARG A 170 -7.51 -10.07 18.58
CA ARG A 170 -6.90 -11.41 18.59
C ARG A 170 -5.56 -11.41 17.83
N TYR A 171 -5.56 -10.83 16.64
CA TYR A 171 -4.34 -10.75 15.84
C TYR A 171 -3.28 -9.97 16.59
N LEU A 172 -3.66 -8.86 17.20
CA LEU A 172 -2.68 -8.06 17.94
C LEU A 172 -2.04 -8.84 19.09
N GLU A 173 -2.83 -9.68 19.74
CA GLU A 173 -2.28 -10.52 20.80
C GLU A 173 -1.38 -11.62 20.23
N ASN A 174 -1.86 -12.31 19.20
CA ASN A 174 -1.09 -13.41 18.60
C ASN A 174 0.20 -12.95 17.97
N GLY A 175 0.18 -11.75 17.40
CA GLY A 175 1.37 -11.20 16.78
C GLY A 175 1.99 -10.09 17.61
N LYS A 176 1.77 -10.11 18.92
CA LYS A 176 2.19 -9.00 19.76
C LYS A 176 3.69 -8.68 19.70
N GLU A 177 4.55 -9.66 19.46
CA GLU A 177 5.98 -9.40 19.46
C GLU A 177 6.40 -8.55 18.26
N THR A 178 5.56 -8.53 17.22
CA THR A 178 5.82 -7.74 16.03
C THR A 178 4.77 -6.64 15.84
N LEU A 179 3.50 -7.02 15.91
CA LEU A 179 2.45 -6.04 15.65
C LEU A 179 2.44 -4.92 16.68
N GLN A 180 2.84 -5.24 17.91
CA GLN A 180 2.86 -4.25 18.98
C GLN A 180 4.27 -3.81 19.34
N ARG A 181 5.17 -3.97 18.39
CA ARG A 181 6.53 -3.51 18.53
C ARG A 181 6.79 -2.45 17.49
N ALA A 182 7.14 -1.26 17.94
CA ALA A 182 7.52 -0.20 17.04
C ALA A 182 9.03 -0.19 16.96
N ASP A 183 9.53 -0.25 15.73
CA ASP A 183 10.96 -0.25 15.51
C ASP A 183 11.35 1.14 15.09
N PRO A 184 12.22 1.80 15.87
CA PRO A 184 12.48 3.18 15.54
C PRO A 184 13.38 3.30 14.32
N PRO A 185 13.32 4.44 13.63
CA PRO A 185 14.18 4.59 12.47
C PRO A 185 15.63 4.67 12.90
N LYS A 186 16.50 4.03 12.12
CA LYS A 186 17.94 4.25 12.18
C LYS A 186 18.21 5.42 11.26
N THR A 187 18.90 6.43 11.77
CA THR A 187 19.00 7.67 11.04
C THR A 187 20.45 8.04 10.79
N HIS A 188 20.69 8.66 9.65
CA HIS A 188 21.96 9.34 9.41
C HIS A 188 21.72 10.45 8.39
N VAL A 189 22.63 11.41 8.36
CA VAL A 189 22.58 12.48 7.39
C VAL A 189 23.77 12.32 6.47
N THR A 190 23.52 12.30 5.17
CA THR A 190 24.58 12.24 4.19
C THR A 190 24.73 13.57 3.48
N HIS A 191 25.90 13.76 2.89
CA HIS A 191 26.27 15.03 2.31
C HIS A 191 26.84 14.77 0.93
N HIS A 192 26.30 15.43 -0.08
CA HIS A 192 26.73 15.25 -1.47
C HIS A 192 26.83 16.59 -2.16
N PRO A 193 28.06 17.08 -2.43
CA PRO A 193 28.15 18.35 -3.15
C PRO A 193 27.44 18.27 -4.51
N VAL A 194 26.64 19.26 -4.84
CA VAL A 194 26.01 19.33 -6.15
C VAL A 194 26.67 20.36 -7.04
N SER A 195 27.67 21.02 -6.49
CA SER A 195 28.33 22.08 -7.18
C SER A 195 29.31 22.69 -6.20
N ASP A 196 30.06 23.64 -6.68
CA ASP A 196 31.02 24.26 -5.81
C ASP A 196 30.38 24.90 -4.60
N HIS A 197 29.19 25.44 -4.74
CA HIS A 197 28.58 26.21 -3.67
C HIS A 197 27.19 25.76 -3.23
N GLU A 198 26.82 24.54 -3.60
CA GLU A 198 25.65 23.88 -3.04
C GLU A 198 25.96 22.41 -2.76
N ALA A 199 25.32 21.87 -1.73
CA ALA A 199 25.46 20.47 -1.43
C ALA A 199 24.10 19.94 -1.01
N THR A 200 23.93 18.64 -1.17
N THR A 200 23.89 18.65 -1.20
CA THR A 200 22.71 17.97 -0.77
CA THR A 200 22.64 18.06 -0.75
C THR A 200 22.87 17.38 0.63
C THR A 200 22.84 17.38 0.59
N LEU A 201 21.95 17.69 1.52
CA LEU A 201 21.91 17.03 2.79
C LEU A 201 20.74 16.07 2.68
N ARG A 202 21.00 14.79 2.89
CA ARG A 202 19.91 13.83 2.81
C ARG A 202 19.76 13.18 4.16
N CYS A 203 18.57 13.33 4.72
CA CYS A 203 18.30 12.75 6.03
C CYS A 203 17.58 11.43 5.81
N TRP A 204 18.18 10.37 6.33
CA TRP A 204 17.73 9.00 6.09
C TRP A 204 17.06 8.44 7.32
N ALA A 205 15.98 7.71 7.09
CA ALA A 205 15.37 6.91 8.15
C ALA A 205 15.22 5.50 7.59
N LEU A 206 15.82 4.52 8.26
CA LEU A 206 15.78 3.16 7.78
C LEU A 206 15.32 2.22 8.87
N GLY A 207 14.75 1.09 8.47
CA GLY A 207 14.45 0.03 9.40
C GLY A 207 13.34 0.28 10.39
N PHE A 208 12.43 1.21 10.07
CA PHE A 208 11.36 1.54 10.99
C PHE A 208 10.05 0.81 10.73
N TYR A 209 9.28 0.62 11.79
CA TYR A 209 7.94 0.06 11.69
C TYR A 209 7.15 0.65 12.84
N PRO A 210 5.92 1.10 12.60
CA PRO A 210 5.17 1.08 11.34
C PRO A 210 5.65 2.16 10.38
N ALA A 211 4.98 2.27 9.23
CA ALA A 211 5.43 3.15 8.16
C ALA A 211 5.26 4.63 8.49
N GLU A 212 4.29 4.96 9.35
CA GLU A 212 4.05 6.36 9.69
C GLU A 212 5.31 6.98 10.28
N ILE A 213 5.73 8.09 9.69
CA ILE A 213 6.92 8.76 10.16
C ILE A 213 6.83 10.19 9.70
N THR A 214 7.47 11.09 10.44
CA THR A 214 7.59 12.47 10.02
C THR A 214 9.07 12.81 9.92
N LEU A 215 9.47 13.25 8.74
CA LEU A 215 10.86 13.56 8.47
C LEU A 215 10.88 14.95 7.83
N THR A 216 11.47 15.92 8.52
CA THR A 216 11.52 17.28 8.00
C THR A 216 12.89 17.90 8.16
N TRP A 217 13.15 18.90 7.33
CA TRP A 217 14.34 19.71 7.48
C TRP A 217 13.93 21.08 7.94
N GLN A 218 14.72 21.64 8.85
CA GLN A 218 14.55 23.03 9.26
C GLN A 218 15.82 23.78 8.95
N ARG A 219 15.69 25.04 8.59
CA ARG A 219 16.83 25.93 8.45
C ARG A 219 16.61 27.04 9.46
N ASP A 220 17.56 27.19 10.37
CA ASP A 220 17.45 28.15 11.47
C ASP A 220 16.14 27.93 12.23
N GLY A 221 15.72 26.67 12.36
CA GLY A 221 14.53 26.34 13.12
C GLY A 221 13.23 26.55 12.37
N GLU A 222 13.31 26.90 11.09
CA GLU A 222 12.12 27.11 10.27
C GLU A 222 11.92 25.97 9.28
N ASP A 223 10.72 25.41 9.24
CA ASP A 223 10.43 24.34 8.29
C ASP A 223 10.74 24.70 6.85
N GLN A 224 11.32 23.75 6.12
CA GLN A 224 11.71 23.96 4.74
C GLN A 224 10.86 23.12 3.79
N THR A 225 9.55 23.16 4.00
CA THR A 225 8.62 22.29 3.26
C THR A 225 8.77 22.35 1.74
N GLN A 226 8.80 23.57 1.19
CA GLN A 226 8.86 23.72 -0.25
C GLN A 226 10.22 23.31 -0.84
N ASP A 227 11.29 23.48 -0.08
CA ASP A 227 12.63 23.18 -0.58
C ASP A 227 13.09 21.76 -0.26
N THR A 228 12.25 21.01 0.41
CA THR A 228 12.60 19.66 0.80
C THR A 228 12.08 18.65 -0.23
N GLU A 229 12.98 17.81 -0.74
CA GLU A 229 12.58 16.67 -1.55
C GLU A 229 12.30 15.49 -0.63
N LEU A 230 11.07 15.03 -0.65
CA LEU A 230 10.65 14.00 0.24
C LEU A 230 10.23 12.80 -0.60
N VAL A 231 10.84 11.67 -0.43
CA VAL A 231 10.40 10.49 -1.16
C VAL A 231 9.30 9.80 -0.39
N GLU A 232 8.47 9.07 -1.13
CA GLU A 232 7.42 8.29 -0.50
C GLU A 232 8.04 7.25 0.39
N THR A 233 7.43 7.04 1.55
CA THR A 233 7.85 5.97 2.43
C THR A 233 7.74 4.66 1.66
N ARG A 234 8.79 3.86 1.74
CA ARG A 234 8.94 2.67 0.90
C ARG A 234 9.29 1.44 1.71
N PRO A 235 8.77 0.28 1.31
CA PRO A 235 9.01 -0.94 2.09
C PRO A 235 10.38 -1.55 1.80
N ALA A 236 11.06 -1.98 2.85
CA ALA A 236 12.37 -2.58 2.68
C ALA A 236 12.29 -4.03 2.24
N GLY A 237 11.16 -4.70 2.55
CA GLY A 237 10.98 -6.10 2.23
C GLY A 237 11.22 -7.02 3.42
N ASP A 238 11.58 -6.43 4.56
CA ASP A 238 11.79 -7.17 5.81
C ASP A 238 10.81 -6.70 6.90
N ARG A 239 9.67 -6.16 6.45
CA ARG A 239 8.62 -5.55 7.27
C ARG A 239 8.85 -4.06 7.52
N THR A 240 10.10 -3.62 7.43
CA THR A 240 10.38 -2.23 7.81
C THR A 240 10.25 -1.32 6.61
N PHE A 241 10.31 -0.03 6.90
CA PHE A 241 10.15 0.99 5.87
C PHE A 241 11.36 1.90 5.85
N GLN A 242 11.47 2.64 4.77
CA GLN A 242 12.55 3.59 4.60
C GLN A 242 11.98 4.90 4.10
N LYS A 243 12.68 5.98 4.42
CA LYS A 243 12.30 7.26 3.88
C LYS A 243 13.51 8.17 3.92
N TRP A 244 13.56 9.12 3.00
CA TRP A 244 14.52 10.20 3.15
C TRP A 244 13.95 11.53 2.75
N ALA A 245 14.58 12.58 3.27
CA ALA A 245 14.22 13.95 2.98
C ALA A 245 15.51 14.66 2.63
N ALA A 246 15.53 15.37 1.52
CA ALA A 246 16.77 16.03 1.09
C ALA A 246 16.53 17.52 0.86
N VAL A 247 17.55 18.31 1.19
CA VAL A 247 17.56 19.75 0.94
C VAL A 247 18.89 20.07 0.27
N VAL A 248 18.84 21.02 -0.67
CA VAL A 248 20.09 21.50 -1.23
C VAL A 248 20.39 22.80 -0.54
N VAL A 249 21.58 22.88 0.05
CA VAL A 249 21.92 23.99 0.91
C VAL A 249 23.17 24.68 0.39
N PRO A 250 23.31 25.98 0.70
CA PRO A 250 24.53 26.69 0.33
C PRO A 250 25.73 26.06 1.04
N SER A 251 26.84 25.85 0.35
CA SER A 251 28.03 25.31 0.98
C SER A 251 28.48 26.19 2.12
N GLY A 252 28.78 25.57 3.26
CA GLY A 252 29.16 26.31 4.44
C GLY A 252 28.01 26.56 5.39
N GLU A 253 26.77 26.39 4.91
CA GLU A 253 25.60 26.67 5.75
C GLU A 253 25.02 25.40 6.36
N GLU A 254 25.73 24.28 6.20
CA GLU A 254 25.19 22.98 6.60
C GLU A 254 24.71 22.91 8.04
N GLN A 255 25.40 23.60 8.94
CA GLN A 255 25.04 23.51 10.35
C GLN A 255 23.80 24.32 10.72
N ARG A 256 23.28 25.10 9.79
CA ARG A 256 22.02 25.80 10.01
C ARG A 256 20.83 24.89 9.76
N TYR A 257 21.09 23.70 9.25
CA TYR A 257 20.03 22.76 8.92
C TYR A 257 19.94 21.63 9.92
N THR A 258 18.71 21.31 10.31
CA THR A 258 18.47 20.21 11.24
C THR A 258 17.37 19.33 10.66
N CYS A 259 17.60 18.03 10.75
CA CYS A 259 16.62 17.06 10.35
C CYS A 259 15.85 16.62 11.59
N HIS A 260 14.54 16.62 11.49
CA HIS A 260 13.70 16.27 12.62
C HIS A 260 12.95 15.02 12.28
N VAL A 261 12.97 14.07 13.21
CA VAL A 261 12.36 12.78 12.97
C VAL A 261 11.34 12.50 14.07
N GLN A 262 10.11 12.24 13.67
CA GLN A 262 9.09 11.78 14.59
C GLN A 262 8.67 10.37 14.18
N HIS A 263 8.71 9.45 15.13
CA HIS A 263 8.24 8.09 14.89
C HIS A 263 7.74 7.49 16.18
N GLU A 264 6.70 6.70 16.08
CA GLU A 264 6.13 6.06 17.23
C GLU A 264 7.19 5.38 18.03
N GLY A 265 8.17 4.82 17.37
CA GLY A 265 9.25 4.13 18.02
C GLY A 265 10.20 5.04 18.79
N LEU A 266 9.98 6.32 18.65
CA LEU A 266 10.84 7.31 19.27
C LEU A 266 10.11 7.99 20.43
N PRO A 267 10.65 7.77 21.58
CA PRO A 267 10.09 8.37 22.79
C PRO A 267 10.45 9.81 22.73
N LYS A 268 11.69 10.02 22.30
CA LYS A 268 12.18 11.30 21.97
C LYS A 268 12.54 11.40 20.48
N PRO A 269 11.84 12.30 19.91
CA PRO A 269 12.09 12.89 18.60
C PRO A 269 13.52 13.20 18.43
N LEU A 270 13.99 12.97 17.24
CA LEU A 270 15.35 13.19 16.94
C LEU A 270 15.55 14.50 16.22
N THR A 271 16.64 15.15 16.59
CA THR A 271 17.16 16.25 15.81
C THR A 271 18.54 15.78 15.38
N LEU A 272 18.77 15.78 14.07
CA LEU A 272 20.05 15.36 13.52
C LEU A 272 20.63 16.47 12.67
N ARG A 273 21.93 16.47 12.57
CA ARG A 273 22.61 17.36 11.64
CA ARG A 273 22.66 17.33 11.70
C ARG A 273 23.66 16.55 10.90
N TRP A 274 24.17 17.12 9.82
CA TRP A 274 25.30 16.53 9.14
C TRP A 274 26.47 16.56 10.12
N GLU A 275 27.19 15.44 10.20
CA GLU A 275 28.36 15.34 11.06
C GLU A 275 29.57 15.03 10.18
N PRO A 276 30.32 16.08 9.79
CA PRO A 276 31.45 15.97 8.88
C PRO A 276 32.59 15.13 9.47
N ILE B 1 -8.64 9.74 -15.47
CA ILE B 1 -8.91 8.35 -15.37
C ILE B 1 -7.66 7.61 -15.02
N GLN B 2 -6.47 8.03 -15.43
CA GLN B 2 -5.30 7.15 -15.23
C GLN B 2 -4.18 7.86 -14.47
N ARG B 3 -3.40 7.11 -13.71
CA ARG B 3 -2.30 7.65 -12.93
C ARG B 3 -1.02 6.88 -13.19
N THR B 4 0.05 7.59 -13.47
CA THR B 4 1.30 6.95 -13.84
C THR B 4 2.08 6.55 -12.60
N PRO B 5 2.85 5.45 -12.69
CA PRO B 5 3.51 4.99 -11.47
C PRO B 5 4.69 5.86 -11.03
N LYS B 6 4.82 6.00 -9.73
CA LYS B 6 6.07 6.43 -9.12
C LYS B 6 6.95 5.20 -9.03
N ILE B 7 8.26 5.41 -9.09
CA ILE B 7 9.21 4.30 -9.11
C ILE B 7 10.38 4.62 -8.22
N GLN B 8 10.68 3.73 -7.29
CA GLN B 8 11.91 3.87 -6.52
C GLN B 8 12.69 2.58 -6.59
N VAL B 9 14.01 2.70 -6.78
CA VAL B 9 14.90 1.55 -6.83
C VAL B 9 15.94 1.69 -5.73
N TYR B 10 16.08 0.65 -4.92
CA TYR B 10 16.89 0.76 -3.70
C TYR B 10 17.16 -0.59 -3.09
N SER B 11 18.05 -0.65 -2.12
CA SER B 11 18.36 -1.93 -1.51
C SER B 11 17.70 -2.09 -0.14
N ARG B 12 17.47 -3.33 0.24
CA ARG B 12 16.85 -3.60 1.52
C ARG B 12 17.72 -3.13 2.66
N HIS B 13 19.01 -3.44 2.55
CA HIS B 13 20.01 -3.06 3.55
C HIS B 13 20.98 -2.09 2.92
N PRO B 14 21.70 -1.32 3.73
CA PRO B 14 22.72 -0.45 3.15
C PRO B 14 23.67 -1.25 2.27
N ALA B 15 23.92 -0.78 1.05
CA ALA B 15 24.72 -1.54 0.11
C ALA B 15 26.18 -1.63 0.55
N GLU B 16 26.70 -2.84 0.53
CA GLU B 16 28.11 -3.08 0.81
C GLU B 16 28.61 -4.05 -0.26
N ASN B 17 29.59 -3.62 -1.05
CA ASN B 17 30.06 -4.46 -2.15
C ASN B 17 30.50 -5.84 -1.70
N GLY B 18 30.07 -6.87 -2.42
CA GLY B 18 30.40 -8.23 -2.11
C GLY B 18 29.55 -8.86 -1.02
N LYS B 19 28.60 -8.09 -0.48
CA LYS B 19 27.68 -8.60 0.53
C LYS B 19 26.27 -8.77 -0.04
N SER B 20 25.74 -9.99 0.07
CA SER B 20 24.40 -10.28 -0.45
C SER B 20 23.37 -9.38 0.21
N ASN B 21 22.38 -8.96 -0.57
CA ASN B 21 21.42 -7.94 -0.17
C ASN B 21 20.17 -8.21 -0.99
N PHE B 22 19.23 -7.28 -0.98
CA PHE B 22 18.05 -7.39 -1.84
C PHE B 22 17.88 -6.12 -2.62
N LEU B 23 17.61 -6.26 -3.93
CA LEU B 23 17.35 -5.13 -4.81
C LEU B 23 15.84 -4.98 -4.93
N ASN B 24 15.35 -3.79 -4.60
CA ASN B 24 13.93 -3.46 -4.60
C ASN B 24 13.57 -2.47 -5.68
N CYS B 25 12.41 -2.68 -6.29
CA CYS B 25 11.80 -1.65 -7.11
C CYS B 25 10.37 -1.53 -6.63
N TYR B 26 10.06 -0.36 -6.08
CA TYR B 26 8.74 -0.09 -5.53
C TYR B 26 8.02 0.81 -6.51
N VAL B 27 6.89 0.31 -7.03
CA VAL B 27 6.07 1.10 -7.93
C VAL B 27 4.78 1.42 -7.19
N SER B 28 4.34 2.67 -7.29
CA SER B 28 3.22 3.09 -6.46
C SER B 28 2.49 4.22 -7.15
N GLY B 29 1.32 4.56 -6.63
CA GLY B 29 0.59 5.70 -7.12
C GLY B 29 -0.01 5.56 -8.50
N PHE B 30 -0.10 4.33 -9.00
CA PHE B 30 -0.57 4.12 -10.37
C PHE B 30 -2.01 3.59 -10.42
N HIS B 31 -2.65 3.80 -11.56
CA HIS B 31 -3.99 3.32 -11.81
C HIS B 31 -4.20 3.39 -13.33
N PRO B 32 -4.71 2.32 -13.95
CA PRO B 32 -5.18 1.07 -13.35
C PRO B 32 -4.03 0.17 -12.92
N SER B 33 -4.37 -1.05 -12.51
CA SER B 33 -3.43 -1.87 -11.77
C SER B 33 -2.43 -2.68 -12.63
N ASP B 34 -2.75 -2.92 -13.89
CA ASP B 34 -1.82 -3.67 -14.74
C ASP B 34 -0.52 -2.88 -14.87
N ILE B 35 0.60 -3.57 -14.66
CA ILE B 35 1.89 -2.92 -14.72
C ILE B 35 2.96 -3.99 -15.01
N GLU B 36 3.99 -3.61 -15.76
CA GLU B 36 5.07 -4.53 -16.07
C GLU B 36 6.35 -4.01 -15.43
N VAL B 37 6.98 -4.82 -14.60
CA VAL B 37 8.20 -4.40 -13.92
C VAL B 37 9.30 -5.44 -14.09
N ASP B 38 10.45 -5.00 -14.56
CA ASP B 38 11.62 -5.86 -14.68
C ASP B 38 12.75 -5.24 -13.87
N LEU B 39 13.52 -6.08 -13.19
CA LEU B 39 14.79 -5.65 -12.61
C LEU B 39 15.89 -6.02 -13.60
N LEU B 40 16.83 -5.10 -13.82
CA LEU B 40 17.89 -5.31 -14.80
C LEU B 40 19.25 -5.36 -14.12
N LYS B 41 20.11 -6.26 -14.61
CA LYS B 41 21.49 -6.31 -14.18
C LYS B 41 22.33 -6.07 -15.43
N ASN B 42 23.06 -4.96 -15.45
CA ASN B 42 23.77 -4.55 -16.65
C ASN B 42 22.89 -4.66 -17.89
N GLY B 43 21.67 -4.16 -17.77
CA GLY B 43 20.76 -4.05 -18.90
C GLY B 43 19.94 -5.28 -19.23
N GLU B 44 20.28 -6.41 -18.63
CA GLU B 44 19.60 -7.68 -18.92
C GLU B 44 18.60 -8.05 -17.83
N ARG B 45 17.43 -8.53 -18.26
CA ARG B 45 16.37 -8.87 -17.33
C ARG B 45 16.79 -9.96 -16.34
N ILE B 46 16.65 -9.69 -15.05
CA ILE B 46 16.87 -10.72 -14.04
C ILE B 46 15.67 -11.66 -13.98
N GLU B 47 15.94 -12.96 -13.92
CA GLU B 47 14.88 -13.94 -14.07
C GLU B 47 13.96 -14.14 -12.87
N LYS B 48 14.51 -14.41 -11.69
CA LYS B 48 13.67 -14.93 -10.61
C LYS B 48 12.97 -13.89 -9.71
N VAL B 49 12.60 -12.74 -10.28
CA VAL B 49 12.10 -11.61 -9.48
C VAL B 49 10.72 -11.88 -8.85
N GLU B 50 10.60 -11.62 -7.55
CA GLU B 50 9.34 -11.80 -6.85
C GLU B 50 8.67 -10.44 -6.65
N HIS B 51 7.39 -10.46 -6.31
CA HIS B 51 6.70 -9.21 -6.03
C HIS B 51 5.65 -9.41 -4.95
N SER B 52 5.25 -8.31 -4.34
CA SER B 52 4.20 -8.33 -3.34
C SER B 52 2.81 -8.52 -3.95
N ASP B 53 1.84 -8.78 -3.08
CA ASP B 53 0.45 -8.89 -3.52
C ASP B 53 -0.17 -7.53 -3.77
N LEU B 54 -1.00 -7.44 -4.80
CA LEU B 54 -1.62 -6.18 -5.18
C LEU B 54 -2.39 -5.58 -4.03
N SER B 55 -2.05 -4.34 -3.68
CA SER B 55 -2.84 -3.61 -2.71
C SER B 55 -2.86 -2.16 -3.18
N PHE B 56 -3.51 -1.33 -2.39
CA PHE B 56 -3.68 0.05 -2.75
C PHE B 56 -3.72 0.99 -1.57
N SER B 57 -3.39 2.23 -1.85
CA SER B 57 -3.37 3.27 -0.88
C SER B 57 -4.74 3.92 -0.66
N LYS B 58 -4.81 4.84 0.29
CA LYS B 58 -6.08 5.45 0.64
C LYS B 58 -6.66 6.24 -0.53
N ASP B 59 -5.79 6.69 -1.41
CA ASP B 59 -6.27 7.40 -2.59
C ASP B 59 -6.61 6.48 -3.78
N TRP B 60 -6.67 5.18 -3.50
CA TRP B 60 -7.01 4.14 -4.47
C TRP B 60 -5.88 3.76 -5.42
N SER B 61 -4.75 4.45 -5.37
CA SER B 61 -3.68 4.10 -6.30
C SER B 61 -2.99 2.84 -5.83
N PHE B 62 -2.50 2.06 -6.77
CA PHE B 62 -1.93 0.75 -6.47
C PHE B 62 -0.46 0.87 -6.16
N TYR B 63 0.06 -0.12 -5.45
CA TYR B 63 1.49 -0.22 -5.24
C TYR B 63 1.92 -1.68 -5.18
N LEU B 64 3.15 -1.91 -5.62
CA LEU B 64 3.75 -3.23 -5.63
C LEU B 64 5.23 -3.09 -5.35
N LEU B 65 5.79 -4.07 -4.65
CA LEU B 65 7.22 -4.14 -4.46
C LEU B 65 7.75 -5.34 -5.22
N TYR B 66 8.70 -5.09 -6.11
CA TYR B 66 9.39 -6.15 -6.84
C TYR B 66 10.79 -6.25 -6.25
N TYR B 67 11.28 -7.46 -6.05
CA TYR B 67 12.55 -7.61 -5.37
C TYR B 67 13.27 -8.89 -5.75
N THR B 68 14.58 -8.90 -5.57
CA THR B 68 15.35 -10.11 -5.82
C THR B 68 16.66 -10.02 -5.04
N GLU B 69 17.23 -11.15 -4.70
CA GLU B 69 18.49 -11.10 -4.06
C GLU B 69 19.56 -10.65 -5.02
N PHE B 70 20.51 -9.88 -4.54
CA PHE B 70 21.64 -9.46 -5.36
C PHE B 70 22.85 -9.15 -4.49
N THR B 71 24.02 -9.25 -5.09
CA THR B 71 25.26 -8.92 -4.41
C THR B 71 25.86 -7.74 -5.13
N PRO B 72 25.67 -6.54 -4.60
CA PRO B 72 26.20 -5.38 -5.31
C PRO B 72 27.72 -5.42 -5.41
N THR B 73 28.25 -4.80 -6.46
CA THR B 73 29.68 -4.69 -6.66
C THR B 73 29.92 -3.28 -7.17
N GLU B 74 31.19 -2.89 -7.29
CA GLU B 74 31.51 -1.53 -7.72
C GLU B 74 31.08 -1.29 -9.16
N LYS B 75 31.12 -2.34 -9.99
CA LYS B 75 30.96 -2.17 -11.44
C LYS B 75 29.63 -2.62 -12.03
N ASP B 76 28.91 -3.50 -11.34
CA ASP B 76 27.61 -3.95 -11.85
C ASP B 76 26.57 -2.85 -11.76
N GLU B 77 25.81 -2.65 -12.83
CA GLU B 77 24.75 -1.65 -12.83
C GLU B 77 23.40 -2.32 -12.68
N TYR B 78 22.55 -1.79 -11.82
CA TYR B 78 21.21 -2.32 -11.67
C TYR B 78 20.17 -1.27 -11.96
N ALA B 79 19.00 -1.72 -12.40
CA ALA B 79 17.94 -0.79 -12.74
C ALA B 79 16.59 -1.47 -12.66
N CYS B 80 15.55 -0.65 -12.72
CA CYS B 80 14.19 -1.14 -12.77
C CYS B 80 13.50 -0.57 -14.01
N ARG B 81 12.86 -1.43 -14.78
CA ARG B 81 12.22 -1.02 -16.01
C ARG B 81 10.72 -1.24 -15.89
N VAL B 82 9.98 -0.15 -16.06
CA VAL B 82 8.54 -0.17 -15.81
C VAL B 82 7.75 0.24 -17.04
N ASN B 83 6.72 -0.53 -17.37
CA ASN B 83 5.76 -0.10 -18.35
C ASN B 83 4.36 -0.11 -17.76
N HIS B 84 3.53 0.81 -18.23
CA HIS B 84 2.17 0.99 -17.74
C HIS B 84 1.40 1.63 -18.88
N VAL B 85 0.08 1.53 -18.86
CA VAL B 85 -0.72 2.10 -19.94
C VAL B 85 -0.45 3.59 -20.10
N THR B 86 -0.06 4.26 -19.01
CA THR B 86 0.19 5.70 -19.04
C THR B 86 1.51 6.07 -19.68
N LEU B 87 2.38 5.08 -19.89
CA LEU B 87 3.70 5.33 -20.44
C LEU B 87 3.76 4.92 -21.91
N SER B 88 4.23 5.82 -22.77
CA SER B 88 4.41 5.47 -24.17
C SER B 88 5.53 4.45 -24.34
N GLN B 89 6.57 4.55 -23.56
CA GLN B 89 7.52 3.45 -23.55
C GLN B 89 8.01 3.17 -22.17
N PRO B 90 8.69 2.07 -22.05
CA PRO B 90 9.10 1.66 -20.71
C PRO B 90 10.00 2.71 -20.07
N LYS B 91 9.86 2.91 -18.77
CA LYS B 91 10.67 3.89 -18.06
C LYS B 91 11.73 3.15 -17.26
N ILE B 92 12.98 3.56 -17.42
CA ILE B 92 14.05 2.89 -16.70
C ILE B 92 14.59 3.78 -15.60
N VAL B 93 14.64 3.26 -14.38
CA VAL B 93 15.22 3.99 -13.26
C VAL B 93 16.40 3.19 -12.75
N LYS B 94 17.56 3.83 -12.69
CA LYS B 94 18.78 3.15 -12.28
C LYS B 94 18.88 3.05 -10.76
N TRP B 95 19.48 1.97 -10.28
CA TRP B 95 19.78 1.88 -8.86
C TRP B 95 20.92 2.81 -8.49
N ASP B 96 20.65 3.69 -7.53
CA ASP B 96 21.65 4.61 -7.00
C ASP B 96 21.68 4.39 -5.48
N ARG B 97 22.80 3.90 -4.99
CA ARG B 97 22.86 3.50 -3.59
C ARG B 97 22.73 4.64 -2.59
N ASP B 98 22.71 5.88 -3.09
CA ASP B 98 22.51 7.06 -2.25
C ASP B 98 21.08 7.56 -2.34
N MET B 99 20.19 6.73 -2.89
CA MET B 99 18.80 7.16 -3.12
C MET B 99 17.79 6.13 -2.64
N HIS C 1 -10.33 -11.05 10.10
CA HIS C 1 -11.35 -11.84 9.40
C HIS C 1 -12.26 -10.91 8.59
N PRO C 2 -12.53 -11.25 7.32
CA PRO C 2 -13.33 -10.37 6.45
C PRO C 2 -14.81 -10.45 6.77
N VAL C 3 -15.58 -9.49 6.26
CA VAL C 3 -17.02 -9.50 6.42
C VAL C 3 -17.67 -10.42 5.39
N ALA C 4 -18.67 -11.18 5.83
CA ALA C 4 -19.44 -12.02 4.93
C ALA C 4 -20.51 -11.17 4.26
N GLU C 5 -20.52 -11.18 2.93
CA GLU C 5 -21.52 -10.46 2.16
C GLU C 5 -22.63 -11.39 1.68
N ALA C 6 -23.66 -10.81 1.09
CA ALA C 6 -24.70 -11.60 0.42
C ALA C 6 -24.76 -11.24 -1.05
N ASP C 7 -25.82 -11.68 -1.73
CA ASP C 7 -26.01 -11.32 -3.13
C ASP C 7 -26.59 -9.91 -3.24
N TYR C 8 -27.29 -9.48 -2.19
CA TYR C 8 -27.85 -8.13 -2.18
C TYR C 8 -26.81 -7.09 -1.76
N PHE C 9 -25.57 -7.53 -1.59
CA PHE C 9 -24.45 -6.63 -1.39
C PHE C 9 -23.91 -6.14 -2.73
N GLU C 10 -24.39 -6.72 -3.82
CA GLU C 10 -24.02 -6.25 -5.16
C GLU C 10 -24.24 -4.74 -5.31
N TYR C 11 -23.39 -4.13 -6.06
CA TYR C 11 -23.49 -2.73 -6.34
C TYR C 11 -24.63 -2.42 -7.31
C ACT D . -11.25 4.03 -17.19
O ACT D . -10.88 2.89 -17.08
OXT ACT D . -12.42 4.15 -17.34
CH3 ACT D . -10.33 5.18 -17.16
#